data_6BNG
#
_entry.id   6BNG
#
_cell.length_a   77.690
_cell.length_b   83.930
_cell.length_c   87.700
_cell.angle_alpha   90.000
_cell.angle_beta   90.000
_cell.angle_gamma   90.000
#
_symmetry.space_group_name_H-M   'P 21 21 2'
#
loop_
_entity.id
_entity.type
_entity.pdbx_description
1 polymer '2-dehydro-3-deoxyphosphooctonate aldolase'
2 non-polymer 'SULFATE ION'
3 water water
#
_entity_poly.entity_id   1
_entity_poly.type   'polypeptide(L)'
_entity_poly.pdbx_seq_one_letter_code
;MAHHHHHHKPQEVVRLGDIQMANHLPFVLFGGMNVLESKDLAFEIAETYIDICKRLDIPYVFKASFDKANRSSLHSFRGP
GLEKGIEWLGDIKKHFNVPIITDVHEPYQAAPVAEVADIIQLPAFLSRQTDLVEAMAKTQAIINIKKAQFLAPHEMRHIL
HKCLEAGNDKLILCERGSAFGYNNLVVDMLGFDIMKEMNVPVFFDVTHALQTPGGRSDSAGGRRAQITTLARAGMATGLA
GLFLESHPDPDKAKCDGPSALRLSQLEPFLAQLKELDTLVKGFKKLDTH
;
_entity_poly.pdbx_strand_id   A,B
#
# COMPACT_ATOMS: atom_id res chain seq x y z
N HIS A 7 -31.83 4.66 15.05
CA HIS A 7 -30.95 5.32 14.10
C HIS A 7 -29.49 4.90 14.34
N HIS A 8 -29.22 3.60 14.31
CA HIS A 8 -27.93 3.13 14.81
C HIS A 8 -26.90 2.77 13.75
N LYS A 9 -27.32 2.38 12.57
CA LYS A 9 -26.32 1.80 11.69
C LYS A 9 -26.08 2.73 10.49
N PRO A 10 -24.85 2.80 10.00
CA PRO A 10 -24.61 3.56 8.78
C PRO A 10 -24.94 2.75 7.52
N GLN A 11 -25.09 3.47 6.42
CA GLN A 11 -25.44 2.87 5.13
C GLN A 11 -24.20 2.27 4.48
N GLU A 12 -24.26 0.97 4.19
CA GLU A 12 -23.15 0.33 3.51
C GLU A 12 -22.99 0.83 2.07
N VAL A 13 -24.11 1.11 1.40
CA VAL A 13 -24.11 1.66 0.04
C VAL A 13 -24.60 3.10 0.09
N VAL A 14 -23.74 4.05 -0.25
CA VAL A 14 -24.14 5.45 -0.24
C VAL A 14 -24.51 5.87 -1.65
N ARG A 15 -25.74 6.34 -1.82
CA ARG A 15 -26.32 6.67 -3.10
C ARG A 15 -26.41 8.17 -3.29
N LEU A 16 -26.10 8.62 -4.49
CA LEU A 16 -26.23 10.04 -4.85
C LEU A 16 -26.76 10.07 -6.29
N GLY A 17 -28.08 10.04 -6.41
CA GLY A 17 -28.69 9.94 -7.74
C GLY A 17 -28.27 8.65 -8.42
N ASP A 18 -27.65 8.78 -9.58
CA ASP A 18 -27.20 7.61 -10.34
C ASP A 18 -26.00 6.92 -9.71
N ILE A 19 -25.25 7.61 -8.83
CA ILE A 19 -23.99 7.11 -8.32
C ILE A 19 -24.24 6.26 -7.07
N GLN A 20 -23.51 5.15 -6.98
CA GLN A 20 -23.54 4.26 -5.83
C GLN A 20 -22.14 4.04 -5.31
N MET A 21 -21.91 4.30 -4.03
CA MET A 21 -20.60 4.17 -3.41
C MET A 21 -20.60 3.06 -2.36
N ALA A 22 -19.71 2.08 -2.53
CA ALA A 22 -19.56 0.97 -1.59
C ALA A 22 -18.27 0.25 -1.93
N ASN A 23 -17.71 -0.42 -0.91
CA ASN A 23 -16.41 -1.04 -1.02
C ASN A 23 -16.37 -2.22 -2.00
N HIS A 24 -17.52 -2.79 -2.35
CA HIS A 24 -17.57 -3.88 -3.33
C HIS A 24 -17.97 -3.43 -4.72
N LEU A 25 -18.23 -2.14 -4.92
CA LEU A 25 -18.73 -1.59 -6.17
C LEU A 25 -17.60 -0.91 -6.95
N PRO A 26 -17.82 -0.60 -8.24
CA PRO A 26 -16.78 0.12 -9.01
C PRO A 26 -16.42 1.43 -8.33
N PHE A 27 -15.12 1.75 -8.34
CA PHE A 27 -14.66 2.89 -7.54
C PHE A 27 -15.20 4.18 -8.10
N VAL A 28 -15.46 5.13 -7.21
CA VAL A 28 -15.98 6.45 -7.55
C VAL A 28 -14.88 7.47 -7.33
N LEU A 29 -14.80 8.48 -8.20
CA LEU A 29 -13.77 9.50 -8.12
C LEU A 29 -14.38 10.79 -7.56
N PHE A 30 -13.83 11.26 -6.41
CA PHE A 30 -13.99 12.63 -5.96
C PHE A 30 -12.76 13.35 -6.50
N GLY A 31 -12.92 14.13 -7.55
CA GLY A 31 -11.77 14.70 -8.23
C GLY A 31 -11.99 16.15 -8.61
N GLY A 32 -10.92 16.92 -8.55
CA GLY A 32 -11.00 18.31 -8.95
C GLY A 32 -9.71 19.04 -8.70
N MET A 33 -9.80 20.13 -7.94
CA MET A 33 -8.67 21.00 -7.68
C MET A 33 -8.62 21.33 -6.19
N ASN A 34 -7.47 21.79 -5.73
CA ASN A 34 -7.37 22.08 -4.30
C ASN A 34 -8.33 23.19 -3.89
N VAL A 35 -8.27 24.32 -4.57
CA VAL A 35 -9.04 25.48 -4.16
C VAL A 35 -9.59 26.13 -5.42
N LEU A 36 -10.75 26.78 -5.28
CA LEU A 36 -11.31 27.53 -6.39
C LEU A 36 -10.42 28.74 -6.70
N GLU A 37 -9.40 28.54 -7.56
CA GLU A 37 -8.50 29.65 -7.89
C GLU A 37 -9.21 30.72 -8.71
N SER A 38 -10.06 30.32 -9.64
CA SER A 38 -10.84 31.27 -10.40
C SER A 38 -12.01 30.54 -11.00
N LYS A 39 -13.04 31.30 -11.38
CA LYS A 39 -14.22 30.69 -11.95
C LYS A 39 -13.88 29.96 -13.24
N ASP A 40 -13.04 30.57 -14.09
CA ASP A 40 -12.70 30.00 -15.38
C ASP A 40 -11.88 28.73 -15.23
N LEU A 41 -10.90 28.72 -14.33
CA LEU A 41 -10.10 27.51 -14.17
C LEU A 41 -10.95 26.37 -13.60
N ALA A 42 -11.88 26.70 -12.71
CA ALA A 42 -12.74 25.66 -12.16
C ALA A 42 -13.60 25.02 -13.26
N PHE A 43 -14.12 25.84 -14.18
CA PHE A 43 -14.89 25.29 -15.30
C PHE A 43 -14.01 24.42 -16.20
N GLU A 44 -12.80 24.88 -16.50
CA GLU A 44 -11.90 24.08 -17.35
C GLU A 44 -11.57 22.74 -16.69
N ILE A 45 -11.25 22.77 -15.40
CA ILE A 45 -10.89 21.54 -14.71
C ILE A 45 -12.08 20.58 -14.64
N ALA A 46 -13.28 21.10 -14.33
CA ALA A 46 -14.47 20.24 -14.29
C ALA A 46 -14.73 19.59 -15.63
N GLU A 47 -14.69 20.38 -16.72
CA GLU A 47 -14.91 19.83 -18.04
C GLU A 47 -13.92 18.72 -18.35
N THR A 48 -12.65 18.90 -17.95
CA THR A 48 -11.63 17.90 -18.25
C THR A 48 -11.86 16.61 -17.48
N TYR A 49 -12.18 16.70 -16.17
CA TYR A 49 -12.50 15.50 -15.43
C TYR A 49 -13.71 14.79 -16.01
N ILE A 50 -14.78 15.56 -16.27
CA ILE A 50 -16.04 14.97 -16.70
C ILE A 50 -15.87 14.19 -18.00
N ASP A 51 -15.14 14.77 -18.97
CA ASP A 51 -14.93 14.08 -20.25
C ASP A 51 -14.14 12.80 -20.09
N ILE A 52 -13.03 12.86 -19.34
CA ILE A 52 -12.21 11.68 -19.11
C ILE A 52 -13.01 10.60 -18.39
N CYS A 53 -13.73 10.96 -17.33
CA CYS A 53 -14.48 9.95 -16.59
C CYS A 53 -15.58 9.32 -17.44
N LYS A 54 -16.17 10.09 -18.36
CA LYS A 54 -17.19 9.51 -19.23
C LYS A 54 -16.60 8.49 -20.19
N ARG A 55 -15.45 8.80 -20.80
CA ARG A 55 -14.88 7.86 -21.76
C ARG A 55 -14.34 6.62 -21.06
N LEU A 56 -13.82 6.78 -19.86
CA LEU A 56 -13.33 5.67 -19.07
C LEU A 56 -14.43 5.00 -18.26
N ASP A 57 -15.61 5.60 -18.22
CA ASP A 57 -16.76 5.08 -17.47
C ASP A 57 -16.44 4.96 -15.97
N ILE A 58 -16.13 6.10 -15.37
CA ILE A 58 -15.84 6.22 -13.94
C ILE A 58 -16.81 7.22 -13.32
N PRO A 59 -17.60 6.84 -12.30
CA PRO A 59 -18.51 7.81 -11.67
C PRO A 59 -17.73 8.93 -11.00
N TYR A 60 -18.29 10.14 -11.07
CA TYR A 60 -17.49 11.34 -10.79
C TYR A 60 -18.26 12.36 -9.96
N VAL A 61 -17.55 12.95 -9.00
CA VAL A 61 -18.01 14.10 -8.21
C VAL A 61 -16.94 15.18 -8.26
N PHE A 62 -17.33 16.41 -8.62
CA PHE A 62 -16.36 17.49 -8.72
C PHE A 62 -16.03 18.02 -7.33
N LYS A 63 -14.73 18.24 -7.08
CA LYS A 63 -14.26 18.69 -5.76
C LYS A 63 -13.50 20.00 -5.92
N ALA A 64 -13.81 20.97 -5.06
CA ALA A 64 -12.99 22.16 -4.92
C ALA A 64 -13.38 22.84 -3.61
N SER A 65 -12.38 23.35 -2.89
CA SER A 65 -12.61 24.09 -1.66
C SER A 65 -13.01 25.51 -1.97
N PHE A 66 -13.91 26.07 -1.16
CA PHE A 66 -14.17 27.50 -1.26
C PHE A 66 -13.31 28.31 -0.30
N ASP A 67 -12.70 27.66 0.69
CA ASP A 67 -11.85 28.35 1.65
C ASP A 67 -10.78 27.40 2.15
N LYS A 68 -9.53 27.89 2.16
CA LYS A 68 -8.43 27.25 2.88
C LYS A 68 -8.37 27.91 4.26
N ALA A 69 -8.96 27.25 5.25
CA ALA A 69 -9.12 27.84 6.58
C ALA A 69 -7.90 27.65 7.47
N ASN A 70 -6.91 26.85 7.05
CA ASN A 70 -5.81 26.49 7.93
C ASN A 70 -4.45 26.69 7.26
N ARG A 71 -4.25 27.84 6.58
CA ARG A 71 -2.97 28.08 5.93
C ARG A 71 -1.91 28.50 6.96
N SER A 72 -0.66 28.54 6.51
CA SER A 72 0.46 28.89 7.37
C SER A 72 0.38 30.33 7.86
N SER A 73 -0.01 31.25 6.98
CA SER A 73 -0.01 32.66 7.28
C SER A 73 -1.42 33.21 7.22
N LEU A 74 -1.63 34.32 7.93
CA LEU A 74 -2.87 35.07 7.82
C LEU A 74 -3.08 35.62 6.40
N HIS A 75 -2.01 35.81 5.63
CA HIS A 75 -2.06 36.44 4.32
C HIS A 75 -2.05 35.44 3.17
N SER A 76 -1.91 34.15 3.47
CA SER A 76 -1.90 33.13 2.44
C SER A 76 -3.23 33.11 1.70
N PHE A 77 -3.15 32.74 0.42
CA PHE A 77 -4.33 32.69 -0.43
C PHE A 77 -5.35 31.69 0.11
N ARG A 78 -6.59 32.15 0.27
CA ARG A 78 -7.63 31.32 0.87
C ARG A 78 -8.76 30.95 -0.09
N GLY A 79 -8.86 31.61 -1.24
CA GLY A 79 -9.91 31.30 -2.18
C GLY A 79 -11.03 32.34 -2.12
N PRO A 80 -12.12 32.07 -2.83
CA PRO A 80 -13.19 33.08 -2.93
C PRO A 80 -13.97 33.29 -1.63
N GLY A 81 -13.96 32.35 -0.69
CA GLY A 81 -14.78 32.50 0.50
C GLY A 81 -16.17 31.93 0.30
N LEU A 82 -16.96 32.01 1.38
CA LEU A 82 -18.21 31.27 1.46
C LEU A 82 -19.22 31.70 0.40
N GLU A 83 -19.57 33.00 0.37
CA GLU A 83 -20.65 33.44 -0.52
C GLU A 83 -20.31 33.18 -1.98
N LYS A 84 -19.17 33.68 -2.44
CA LYS A 84 -18.81 33.54 -3.85
C LYS A 84 -18.49 32.09 -4.20
N GLY A 85 -17.83 31.35 -3.31
CA GLY A 85 -17.50 29.97 -3.61
C GLY A 85 -18.74 29.12 -3.82
N ILE A 86 -19.74 29.28 -2.95
CA ILE A 86 -21.01 28.59 -3.12
C ILE A 86 -21.65 28.97 -4.45
N GLU A 87 -21.51 30.22 -4.87
CA GLU A 87 -22.02 30.63 -6.17
C GLU A 87 -21.30 29.90 -7.31
N TRP A 88 -19.97 29.80 -7.23
CA TRP A 88 -19.22 29.13 -8.30
C TRP A 88 -19.54 27.64 -8.32
N LEU A 89 -19.67 27.00 -7.16
CA LEU A 89 -19.99 25.58 -7.13
C LEU A 89 -21.38 25.33 -7.74
N GLY A 90 -22.35 26.18 -7.41
CA GLY A 90 -23.66 26.04 -8.03
C GLY A 90 -23.63 26.30 -9.52
N ASP A 91 -22.82 27.26 -9.95
CA ASP A 91 -22.66 27.51 -11.39
C ASP A 91 -22.11 26.28 -12.09
N ILE A 92 -21.07 25.67 -11.52
CA ILE A 92 -20.51 24.45 -12.08
C ILE A 92 -21.54 23.33 -12.06
N LYS A 93 -22.26 23.21 -10.94
CA LYS A 93 -23.23 22.13 -10.80
C LYS A 93 -24.32 22.24 -11.84
N LYS A 94 -24.88 23.44 -12.00
CA LYS A 94 -25.99 23.61 -12.94
C LYS A 94 -25.52 23.53 -14.38
N HIS A 95 -24.34 24.07 -14.69
CA HIS A 95 -23.87 24.09 -16.07
C HIS A 95 -23.50 22.69 -16.55
N PHE A 96 -22.84 21.91 -15.70
CA PHE A 96 -22.33 20.61 -16.10
C PHE A 96 -23.22 19.45 -15.68
N ASN A 97 -24.21 19.71 -14.83
CA ASN A 97 -25.04 18.67 -14.24
C ASN A 97 -24.16 17.63 -13.52
N VAL A 98 -23.22 18.14 -12.72
CA VAL A 98 -22.26 17.30 -12.00
C VAL A 98 -22.45 17.48 -10.49
N PRO A 99 -22.35 16.42 -9.69
CA PRO A 99 -22.44 16.60 -8.23
C PRO A 99 -21.21 17.32 -7.67
N ILE A 100 -21.34 17.83 -6.45
CA ILE A 100 -20.34 18.71 -5.83
C ILE A 100 -19.94 18.19 -4.45
N ILE A 101 -18.63 18.24 -4.16
CA ILE A 101 -18.11 18.01 -2.82
C ILE A 101 -17.17 19.16 -2.47
N THR A 102 -17.33 19.71 -1.26
CA THR A 102 -16.46 20.75 -0.73
C THR A 102 -16.40 20.62 0.79
N ASP A 103 -15.38 21.23 1.41
CA ASP A 103 -15.20 21.05 2.85
C ASP A 103 -15.78 22.22 3.64
N VAL A 104 -16.11 21.92 4.91
CA VAL A 104 -16.83 22.81 5.82
C VAL A 104 -15.97 23.00 7.07
N HIS A 105 -15.80 24.25 7.49
CA HIS A 105 -14.83 24.58 8.53
C HIS A 105 -15.40 25.13 9.83
N GLU A 106 -16.64 25.61 9.83
CA GLU A 106 -17.32 26.20 10.97
C GLU A 106 -18.77 25.75 10.95
N PRO A 107 -19.39 25.54 12.14
CA PRO A 107 -20.77 25.02 12.14
C PRO A 107 -21.76 25.83 11.32
N TYR A 108 -21.63 27.17 11.31
CA TYR A 108 -22.58 28.01 10.59
C TYR A 108 -22.47 27.83 9.07
N GLN A 109 -21.32 27.37 8.56
CA GLN A 109 -21.18 27.17 7.12
C GLN A 109 -21.94 25.95 6.62
N ALA A 110 -22.33 25.04 7.52
CA ALA A 110 -22.85 23.73 7.12
C ALA A 110 -24.12 23.85 6.30
N ALA A 111 -25.11 24.57 6.81
CA ALA A 111 -26.39 24.64 6.11
C ALA A 111 -26.27 25.33 4.76
N PRO A 112 -25.66 26.53 4.62
CA PRO A 112 -25.59 27.14 3.28
C PRO A 112 -24.77 26.33 2.28
N VAL A 113 -23.69 25.69 2.72
CA VAL A 113 -22.89 24.88 1.81
C VAL A 113 -23.70 23.70 1.29
N ALA A 114 -24.51 23.08 2.15
CA ALA A 114 -25.29 21.91 1.79
C ALA A 114 -26.36 22.21 0.73
N GLU A 115 -26.74 23.49 0.58
CA GLU A 115 -27.65 23.86 -0.50
C GLU A 115 -27.07 23.48 -1.85
N VAL A 116 -25.76 23.70 -2.05
CA VAL A 116 -25.11 23.40 -3.30
C VAL A 116 -24.33 22.08 -3.26
N ALA A 117 -23.68 21.74 -2.15
CA ALA A 117 -22.79 20.60 -2.16
C ALA A 117 -23.58 19.34 -1.79
N ASP A 118 -23.43 18.29 -2.60
CA ASP A 118 -24.09 17.01 -2.29
C ASP A 118 -23.31 16.22 -1.24
N ILE A 119 -21.99 16.38 -1.22
CA ILE A 119 -21.16 15.76 -0.19
C ILE A 119 -20.42 16.89 0.51
N ILE A 120 -20.52 16.96 1.83
CA ILE A 120 -19.78 17.95 2.61
C ILE A 120 -18.69 17.23 3.39
N GLN A 121 -17.49 17.82 3.37
CA GLN A 121 -16.29 17.16 3.85
C GLN A 121 -15.90 17.69 5.23
N LEU A 122 -15.61 16.77 6.14
CA LEU A 122 -15.19 17.08 7.51
C LEU A 122 -13.67 17.07 7.58
N PRO A 123 -13.02 18.23 7.74
CA PRO A 123 -11.55 18.27 7.71
C PRO A 123 -10.93 17.46 8.85
N ALA A 124 -9.73 16.94 8.60
CA ALA A 124 -9.06 16.04 9.53
C ALA A 124 -8.90 16.65 10.93
N PHE A 125 -8.28 17.84 11.00
CA PHE A 125 -7.99 18.50 12.28
C PHE A 125 -9.28 18.78 13.03
N LEU A 126 -10.40 18.90 12.32
CA LEU A 126 -11.67 19.27 12.96
C LEU A 126 -12.59 18.10 13.19
N SER A 127 -12.18 16.89 12.82
CA SER A 127 -13.08 15.74 12.80
C SER A 127 -13.64 15.38 14.17
N ARG A 128 -13.04 15.87 15.26
CA ARG A 128 -13.56 15.62 16.60
C ARG A 128 -14.37 16.79 17.14
N GLN A 129 -14.44 17.90 16.42
CA GLN A 129 -15.14 19.07 16.95
C GLN A 129 -16.65 18.82 16.89
N THR A 130 -17.25 18.67 18.07
CA THR A 130 -18.62 18.17 18.17
C THR A 130 -19.65 19.07 17.50
N ASP A 131 -19.54 20.39 17.71
CA ASP A 131 -20.54 21.30 17.12
C ASP A 131 -20.48 21.29 15.61
N LEU A 132 -19.28 21.17 15.04
CA LEU A 132 -19.15 21.09 13.59
C LEU A 132 -19.71 19.78 13.07
N VAL A 133 -19.42 18.68 13.75
CA VAL A 133 -19.93 17.40 13.30
C VAL A 133 -21.45 17.39 13.34
N GLU A 134 -22.04 17.93 14.42
CA GLU A 134 -23.49 17.94 14.54
C GLU A 134 -24.15 18.82 13.47
N ALA A 135 -23.65 20.05 13.32
CA ALA A 135 -24.23 20.95 12.32
C ALA A 135 -24.12 20.35 10.93
N MET A 136 -23.03 19.64 10.66
CA MET A 136 -22.91 18.98 9.37
C MET A 136 -23.92 17.85 9.24
N ALA A 137 -24.05 17.02 10.29
CA ALA A 137 -24.98 15.89 10.25
C ALA A 137 -26.41 16.36 9.99
N LYS A 138 -26.78 17.51 10.57
CA LYS A 138 -28.15 18.01 10.48
C LYS A 138 -28.56 18.27 9.04
N THR A 139 -27.63 18.76 8.20
CA THR A 139 -27.99 19.12 6.84
C THR A 139 -28.52 17.93 6.03
N GLN A 140 -28.23 16.70 6.46
CA GLN A 140 -28.62 15.46 5.79
C GLN A 140 -27.91 15.25 4.45
N ALA A 141 -26.88 16.02 4.16
CA ALA A 141 -26.03 15.73 3.01
C ALA A 141 -25.14 14.53 3.34
N ILE A 142 -24.49 13.96 2.32
CA ILE A 142 -23.49 12.94 2.56
C ILE A 142 -22.29 13.58 3.28
N ILE A 143 -21.67 12.86 4.20
CA ILE A 143 -20.53 13.40 4.94
C ILE A 143 -19.28 12.59 4.58
N ASN A 144 -18.28 13.27 4.04
CA ASN A 144 -16.98 12.68 3.81
C ASN A 144 -16.10 13.04 5.00
N ILE A 145 -15.72 12.03 5.78
CA ILE A 145 -14.90 12.21 6.99
C ILE A 145 -13.43 11.99 6.64
N LYS A 146 -12.63 13.03 6.73
CA LYS A 146 -11.19 12.86 6.55
C LYS A 146 -10.60 12.26 7.82
N LYS A 147 -9.87 11.15 7.70
CA LYS A 147 -9.25 10.50 8.84
C LYS A 147 -8.01 11.27 9.25
N ALA A 148 -8.00 11.73 10.51
CA ALA A 148 -6.92 12.62 10.94
C ALA A 148 -5.58 11.88 10.92
N GLN A 149 -4.51 12.63 10.62
CA GLN A 149 -3.14 12.10 10.61
C GLN A 149 -2.75 11.46 11.95
N PHE A 150 -3.40 11.85 13.05
CA PHE A 150 -3.05 11.40 14.39
C PHE A 150 -4.06 10.40 14.97
N LEU A 151 -5.00 9.90 14.18
CA LEU A 151 -5.99 8.94 14.69
C LEU A 151 -5.79 7.57 14.08
N ALA A 152 -5.90 6.56 14.91
CA ALA A 152 -5.81 5.19 14.44
C ALA A 152 -7.13 4.80 13.76
N PRO A 153 -7.09 3.81 12.86
CA PRO A 153 -8.31 3.38 12.14
C PRO A 153 -9.50 3.07 13.03
N HIS A 154 -9.34 2.26 14.08
CA HIS A 154 -10.49 1.93 14.92
CA HIS A 154 -10.48 1.93 14.94
C HIS A 154 -11.14 3.18 15.53
N GLU A 155 -10.40 4.29 15.62
CA GLU A 155 -10.98 5.49 16.22
C GLU A 155 -12.03 6.15 15.32
N MET A 156 -12.06 5.82 14.01
CA MET A 156 -13.10 6.34 13.13
C MET A 156 -14.50 5.90 13.58
N ARG A 157 -14.60 4.77 14.25
CA ARG A 157 -15.91 4.26 14.70
C ARG A 157 -16.66 5.28 15.57
N HIS A 158 -15.94 6.01 16.43
CA HIS A 158 -16.57 7.01 17.29
C HIS A 158 -17.09 8.20 16.50
N ILE A 159 -16.35 8.61 15.46
CA ILE A 159 -16.82 9.73 14.65
C ILE A 159 -18.06 9.31 13.86
N LEU A 160 -18.07 8.08 13.35
CA LEU A 160 -19.29 7.58 12.75
C LEU A 160 -20.44 7.63 13.76
N HIS A 161 -20.16 7.18 14.99
CA HIS A 161 -21.23 7.13 15.98
C HIS A 161 -21.74 8.53 16.29
N LYS A 162 -20.85 9.51 16.33
CA LYS A 162 -21.29 10.88 16.60
C LYS A 162 -22.14 11.40 15.46
N CYS A 163 -21.76 11.09 14.21
CA CYS A 163 -22.60 11.46 13.08
C CYS A 163 -23.97 10.80 13.18
N LEU A 164 -23.98 9.49 13.46
CA LEU A 164 -25.24 8.77 13.64
C LEU A 164 -26.04 9.35 14.81
N GLU A 165 -25.37 9.65 15.93
CA GLU A 165 -26.09 10.26 17.07
C GLU A 165 -26.82 11.52 16.65
N ALA A 166 -26.20 12.33 15.80
CA ALA A 166 -26.81 13.54 15.29
C ALA A 166 -27.72 13.30 14.09
N GLY A 167 -28.01 12.04 13.77
CA GLY A 167 -29.07 11.74 12.82
C GLY A 167 -28.68 11.70 11.37
N ASN A 168 -27.41 11.43 11.04
CA ASN A 168 -26.99 11.31 9.65
C ASN A 168 -26.27 9.97 9.48
N ASP A 169 -26.74 9.16 8.53
CA ASP A 169 -26.19 7.83 8.30
C ASP A 169 -25.58 7.67 6.90
N LYS A 170 -25.35 8.76 6.19
CA LYS A 170 -24.72 8.70 4.85
C LYS A 170 -23.27 9.13 5.02
N LEU A 171 -22.41 8.18 5.36
CA LEU A 171 -21.11 8.51 5.89
C LEU A 171 -20.02 7.78 5.11
N ILE A 172 -18.93 8.50 4.83
CA ILE A 172 -17.77 7.97 4.15
C ILE A 172 -16.52 8.26 4.96
N LEU A 173 -15.62 7.29 5.03
CA LEU A 173 -14.31 7.45 5.63
C LEU A 173 -13.27 7.59 4.53
N CYS A 174 -12.36 8.55 4.69
CA CYS A 174 -11.35 8.82 3.66
C CYS A 174 -9.95 8.89 4.27
N GLU A 175 -9.12 7.93 3.90
CA GLU A 175 -7.74 7.85 4.35
C GLU A 175 -6.91 8.96 3.71
N ARG A 176 -5.99 9.55 4.50
CA ARG A 176 -5.07 10.54 3.95
C ARG A 176 -3.70 10.55 4.64
N GLY A 177 -3.27 9.41 5.17
CA GLY A 177 -1.96 9.25 5.73
C GLY A 177 -1.94 9.39 7.24
N SER A 178 -0.92 8.82 7.87
CA SER A 178 -0.72 8.89 9.31
C SER A 178 0.64 9.49 9.61
N ALA A 179 0.71 10.29 10.68
CA ALA A 179 1.97 10.88 11.10
C ALA A 179 3.00 9.79 11.38
N PHE A 180 4.17 9.92 10.76
CA PHE A 180 5.23 8.92 10.85
C PHE A 180 6.50 9.67 11.24
N GLY A 181 6.73 9.79 12.55
CA GLY A 181 7.80 10.69 12.98
C GLY A 181 7.45 12.13 12.66
N TYR A 182 8.47 12.93 12.38
CA TYR A 182 8.28 14.34 12.08
C TYR A 182 8.16 14.59 10.59
N ASN A 183 7.23 15.49 10.22
CA ASN A 183 7.08 16.02 8.86
C ASN A 183 6.96 14.93 7.79
N ASN A 184 6.18 13.90 8.08
CA ASN A 184 6.12 12.76 7.17
C ASN A 184 4.86 11.96 7.47
N LEU A 185 4.21 11.51 6.40
CA LEU A 185 3.05 10.65 6.46
C LEU A 185 3.40 9.31 5.84
N VAL A 186 2.82 8.26 6.41
CA VAL A 186 2.83 6.93 5.80
C VAL A 186 1.38 6.47 5.74
N VAL A 187 1.07 5.70 4.71
CA VAL A 187 -0.25 5.10 4.59
C VAL A 187 -0.13 3.65 5.03
N ASP A 188 -0.84 3.31 6.11
CA ASP A 188 -0.90 1.92 6.57
C ASP A 188 -1.99 1.19 5.79
N MET A 189 -1.60 0.38 4.79
CA MET A 189 -2.62 -0.25 3.97
C MET A 189 -3.48 -1.25 4.74
N LEU A 190 -2.96 -1.79 5.84
CA LEU A 190 -3.77 -2.64 6.73
C LEU A 190 -4.90 -1.84 7.40
N GLY A 191 -4.78 -0.52 7.49
CA GLY A 191 -5.84 0.27 8.09
C GLY A 191 -7.14 0.25 7.29
N PHE A 192 -7.04 0.04 5.96
CA PHE A 192 -8.24 -0.02 5.12
C PHE A 192 -9.19 -1.16 5.55
N ASP A 193 -8.65 -2.32 5.86
CA ASP A 193 -9.54 -3.42 6.27
C ASP A 193 -10.33 -3.06 7.54
N ILE A 194 -9.69 -2.39 8.50
N ILE A 194 -9.69 -2.39 8.50
CA ILE A 194 -10.37 -2.05 9.74
CA ILE A 194 -10.37 -2.04 9.74
C ILE A 194 -11.53 -1.11 9.47
C ILE A 194 -11.54 -1.10 9.48
N MET A 195 -11.34 -0.10 8.62
CA MET A 195 -12.42 0.83 8.31
C MET A 195 -13.51 0.17 7.48
N LYS A 196 -13.15 -0.73 6.57
CA LYS A 196 -14.18 -1.45 5.79
C LYS A 196 -15.05 -2.34 6.68
N GLU A 197 -14.47 -2.92 7.75
CA GLU A 197 -15.29 -3.75 8.62
C GLU A 197 -16.31 -2.93 9.40
N MET A 198 -16.25 -1.60 9.33
CA MET A 198 -17.31 -0.78 9.89
C MET A 198 -18.47 -0.64 8.91
N ASN A 199 -18.37 -1.26 7.73
CA ASN A 199 -19.47 -1.36 6.78
C ASN A 199 -19.95 0.03 6.32
N VAL A 200 -18.99 0.88 5.98
CA VAL A 200 -19.23 2.15 5.31
C VAL A 200 -18.31 2.22 4.10
N PRO A 201 -18.63 3.05 3.11
CA PRO A 201 -17.67 3.21 2.01
C PRO A 201 -16.41 3.91 2.51
N VAL A 202 -15.27 3.39 2.06
CA VAL A 202 -13.97 3.88 2.48
C VAL A 202 -13.24 4.37 1.23
N PHE A 203 -12.73 5.61 1.30
CA PHE A 203 -12.06 6.28 0.20
C PHE A 203 -10.58 6.48 0.52
N PHE A 204 -9.80 6.75 -0.55
CA PHE A 204 -8.38 7.04 -0.43
C PHE A 204 -8.07 8.38 -1.08
N ASP A 205 -7.61 9.34 -0.26
CA ASP A 205 -7.13 10.65 -0.68
C ASP A 205 -5.63 10.48 -0.93
N VAL A 206 -5.27 10.03 -2.13
CA VAL A 206 -3.88 9.79 -2.44
C VAL A 206 -3.12 11.10 -2.47
N THR A 207 -3.80 12.19 -2.83
CA THR A 207 -3.13 13.48 -2.99
C THR A 207 -2.51 13.93 -1.67
N HIS A 208 -3.29 13.91 -0.59
CA HIS A 208 -2.76 14.43 0.64
C HIS A 208 -1.95 13.41 1.40
N ALA A 209 -1.99 12.15 0.99
CA ALA A 209 -1.16 11.14 1.64
C ALA A 209 0.28 11.21 1.15
N LEU A 210 0.54 11.99 0.10
CA LEU A 210 1.89 12.25 -0.38
C LEU A 210 2.59 13.35 0.42
N GLN A 211 1.84 14.20 1.12
CA GLN A 211 2.42 15.35 1.79
C GLN A 211 3.61 14.96 2.68
N THR A 212 4.55 15.90 2.80
CA THR A 212 5.63 15.85 3.78
C THR A 212 5.48 17.12 4.61
N PRO A 213 4.48 17.18 5.49
CA PRO A 213 4.02 18.45 6.08
C PRO A 213 5.09 19.10 6.95
N GLY A 214 5.44 20.33 6.60
CA GLY A 214 6.55 21.03 7.22
C GLY A 214 7.92 20.48 6.88
N GLY A 215 8.02 19.52 5.95
CA GLY A 215 9.28 18.88 5.65
C GLY A 215 10.02 19.55 4.49
N GLY A 222 8.30 17.97 -4.53
CA GLY A 222 7.52 17.14 -3.62
C GLY A 222 7.38 15.70 -4.10
N ARG A 223 6.44 14.93 -3.55
CA ARG A 223 6.34 13.53 -3.93
C ARG A 223 5.32 13.28 -5.06
N ARG A 224 5.09 14.30 -5.91
CA ARG A 224 4.16 14.20 -7.03
C ARG A 224 4.53 13.05 -7.97
N ALA A 225 5.83 12.73 -8.08
CA ALA A 225 6.30 11.66 -8.96
C ALA A 225 5.91 10.26 -8.48
N GLN A 226 5.41 10.11 -7.27
CA GLN A 226 5.10 8.80 -6.73
C GLN A 226 3.61 8.53 -6.68
N ILE A 227 2.79 9.42 -7.23
CA ILE A 227 1.35 9.35 -7.02
C ILE A 227 0.78 8.06 -7.61
N THR A 228 1.31 7.61 -8.76
CA THR A 228 0.74 6.44 -9.43
C THR A 228 0.98 5.17 -8.62
N THR A 229 2.22 4.98 -8.15
CA THR A 229 2.54 3.82 -7.33
C THR A 229 1.65 3.77 -6.09
N LEU A 230 1.49 4.92 -5.41
CA LEU A 230 0.70 4.93 -4.18
C LEU A 230 -0.77 4.68 -4.46
N ALA A 231 -1.32 5.34 -5.49
CA ALA A 231 -2.72 5.11 -5.85
C ALA A 231 -2.95 3.65 -6.24
N ARG A 232 -2.00 3.03 -6.93
CA ARG A 232 -2.19 1.62 -7.30
C ARG A 232 -2.22 0.74 -6.05
N ALA A 233 -1.30 0.98 -5.12
CA ALA A 233 -1.27 0.18 -3.89
C ALA A 233 -2.58 0.29 -3.13
N GLY A 234 -3.07 1.51 -2.96
CA GLY A 234 -4.31 1.69 -2.21
C GLY A 234 -5.49 1.03 -2.90
N MET A 235 -5.67 1.31 -4.19
CA MET A 235 -6.84 0.78 -4.89
C MET A 235 -6.79 -0.72 -5.04
N ALA A 236 -5.59 -1.31 -5.02
CA ALA A 236 -5.48 -2.77 -5.00
C ALA A 236 -6.05 -3.40 -3.73
N THR A 237 -6.22 -2.63 -2.64
CA THR A 237 -6.86 -3.21 -1.46
C THR A 237 -8.36 -3.31 -1.61
N GLY A 238 -8.93 -2.63 -2.60
CA GLY A 238 -10.34 -2.77 -2.87
C GLY A 238 -11.12 -1.76 -2.05
N LEU A 239 -11.35 -0.59 -2.63
CA LEU A 239 -11.89 0.56 -1.93
C LEU A 239 -13.10 1.08 -2.69
N ALA A 240 -13.92 1.87 -1.98
CA ALA A 240 -15.10 2.46 -2.60
C ALA A 240 -14.75 3.63 -3.51
N GLY A 241 -13.61 4.28 -3.29
CA GLY A 241 -13.29 5.38 -4.19
C GLY A 241 -11.97 6.05 -3.90
N LEU A 242 -11.70 7.07 -4.71
CA LEU A 242 -10.44 7.81 -4.74
C LEU A 242 -10.75 9.29 -4.69
N PHE A 243 -9.95 10.02 -3.90
CA PHE A 243 -10.00 11.48 -3.79
C PHE A 243 -8.73 12.04 -4.40
N LEU A 244 -8.87 12.99 -5.34
CA LEU A 244 -7.75 13.41 -6.16
C LEU A 244 -7.85 14.89 -6.52
N GLU A 245 -6.71 15.57 -6.47
CA GLU A 245 -6.61 16.97 -6.87
C GLU A 245 -5.62 17.05 -8.02
N SER A 246 -5.96 17.86 -9.02
CA SER A 246 -5.12 18.08 -10.17
C SER A 246 -4.99 19.58 -10.43
N HIS A 247 -4.10 19.94 -11.36
CA HIS A 247 -3.91 21.33 -11.74
C HIS A 247 -3.20 21.36 -13.08
N PRO A 248 -3.56 22.26 -14.00
CA PRO A 248 -2.84 22.31 -15.29
C PRO A 248 -1.36 22.55 -15.10
N ASP A 249 -0.98 23.26 -14.04
CA ASP A 249 0.42 23.63 -13.80
C ASP A 249 0.70 23.61 -12.31
N PRO A 250 0.95 22.43 -11.75
CA PRO A 250 1.02 22.29 -10.27
C PRO A 250 1.99 23.23 -9.60
N ASP A 251 3.06 23.67 -10.27
CA ASP A 251 4.00 24.58 -9.62
C ASP A 251 3.35 25.90 -9.26
N LYS A 252 2.26 26.26 -9.93
CA LYS A 252 1.56 27.51 -9.67
C LYS A 252 0.22 27.32 -9.00
N ALA A 253 -0.17 26.09 -8.65
CA ALA A 253 -1.38 25.93 -7.84
C ALA A 253 -1.29 26.83 -6.62
N LYS A 254 -2.44 27.34 -6.20
CA LYS A 254 -2.46 28.30 -5.09
C LYS A 254 -2.35 27.63 -3.72
N CYS A 255 -2.47 26.30 -3.64
CA CYS A 255 -2.28 25.56 -2.40
C CYS A 255 -2.01 24.10 -2.74
N ASP A 256 -1.03 23.50 -2.06
CA ASP A 256 -0.73 22.07 -2.20
C ASP A 256 -0.35 21.68 -3.63
N GLY A 257 0.20 22.62 -4.39
CA GLY A 257 0.77 22.29 -5.69
C GLY A 257 1.77 21.18 -5.70
N PRO A 258 2.64 21.06 -4.68
CA PRO A 258 3.59 19.92 -4.67
C PRO A 258 2.93 18.55 -4.71
N SER A 259 1.65 18.41 -4.35
CA SER A 259 0.98 17.12 -4.36
C SER A 259 -0.03 16.96 -5.49
N ALA A 260 -0.25 17.99 -6.30
CA ALA A 260 -1.26 17.95 -7.32
C ALA A 260 -0.80 17.17 -8.54
N LEU A 261 -1.71 16.41 -9.13
CA LEU A 261 -1.43 15.72 -10.37
C LEU A 261 -1.52 16.67 -11.57
N ARG A 262 -0.53 16.61 -12.45
CA ARG A 262 -0.57 17.35 -13.71
C ARG A 262 -1.82 16.98 -14.51
N LEU A 263 -2.67 17.97 -14.78
CA LEU A 263 -3.98 17.69 -15.38
C LEU A 263 -3.85 16.92 -16.69
N SER A 264 -2.81 17.22 -17.48
CA SER A 264 -2.60 16.52 -18.74
C SER A 264 -2.34 15.04 -18.56
N GLN A 265 -2.05 14.58 -17.34
CA GLN A 265 -1.77 13.18 -17.11
C GLN A 265 -2.93 12.48 -16.42
N LEU A 266 -4.06 13.17 -16.26
CA LEU A 266 -5.21 12.61 -15.55
C LEU A 266 -5.70 11.33 -16.23
N GLU A 267 -5.84 11.35 -17.57
CA GLU A 267 -6.45 10.21 -18.25
C GLU A 267 -5.62 8.93 -18.19
N PRO A 268 -4.31 8.93 -18.48
CA PRO A 268 -3.55 7.67 -18.32
C PRO A 268 -3.48 7.20 -16.87
N PHE A 269 -3.46 8.14 -15.92
CA PHE A 269 -3.52 7.76 -14.51
C PHE A 269 -4.82 7.03 -14.18
N LEU A 270 -5.95 7.62 -14.53
CA LEU A 270 -7.23 6.97 -14.23
C LEU A 270 -7.39 5.67 -15.01
N ALA A 271 -6.87 5.61 -16.25
CA ALA A 271 -7.06 4.42 -17.07
C ALA A 271 -6.46 3.19 -16.41
N GLN A 272 -5.24 3.32 -15.87
CA GLN A 272 -4.64 2.21 -15.13
C GLN A 272 -5.48 1.85 -13.91
N LEU A 273 -5.88 2.86 -13.13
CA LEU A 273 -6.63 2.56 -11.91
C LEU A 273 -7.98 1.92 -12.23
N LYS A 274 -8.60 2.30 -13.37
CA LYS A 274 -9.87 1.69 -13.75
C LYS A 274 -9.73 0.20 -13.98
N GLU A 275 -8.66 -0.23 -14.67
CA GLU A 275 -8.51 -1.65 -14.94
C GLU A 275 -8.13 -2.40 -13.68
N LEU A 276 -7.23 -1.82 -12.88
CA LEU A 276 -6.85 -2.40 -11.60
C LEU A 276 -8.06 -2.61 -10.72
N ASP A 277 -8.91 -1.58 -10.61
CA ASP A 277 -10.11 -1.68 -9.77
C ASP A 277 -11.02 -2.81 -10.24
N THR A 278 -11.29 -2.85 -11.55
CA THR A 278 -12.13 -3.90 -12.12
C THR A 278 -11.57 -5.29 -11.80
N LEU A 279 -10.26 -5.47 -11.98
CA LEU A 279 -9.63 -6.73 -11.61
C LEU A 279 -9.89 -7.07 -10.15
N VAL A 280 -9.63 -6.11 -9.25
CA VAL A 280 -9.69 -6.39 -7.82
C VAL A 280 -11.13 -6.57 -7.35
N LYS A 281 -12.05 -5.73 -7.83
CA LYS A 281 -13.44 -5.94 -7.40
C LYS A 281 -14.00 -7.27 -7.90
N GLY A 282 -13.38 -7.89 -8.91
CA GLY A 282 -13.83 -9.16 -9.44
C GLY A 282 -13.18 -10.39 -8.85
N PHE A 283 -12.25 -10.21 -7.91
CA PHE A 283 -11.63 -11.35 -7.24
C PHE A 283 -12.63 -12.03 -6.30
N LYS A 284 -12.57 -13.36 -6.23
CA LYS A 284 -13.32 -14.05 -5.18
C LYS A 284 -12.70 -13.73 -3.82
N LYS A 285 -13.54 -13.30 -2.88
CA LYS A 285 -13.05 -13.03 -1.53
C LYS A 285 -12.56 -14.31 -0.89
N LEU A 286 -11.52 -14.18 -0.06
CA LEU A 286 -10.80 -15.32 0.49
C LEU A 286 -10.75 -15.23 2.01
N ASP A 287 -11.13 -16.32 2.69
CA ASP A 287 -11.13 -16.38 4.15
C ASP A 287 -9.80 -16.93 4.63
N THR A 288 -9.02 -16.08 5.29
CA THR A 288 -7.72 -16.48 5.82
C THR A 288 -7.66 -16.40 7.34
N HIS A 289 -8.79 -16.21 8.01
CA HIS A 289 -8.87 -16.16 9.47
C HIS A 289 -8.29 -17.39 10.15
N LYS B 9 28.39 -1.37 -10.03
CA LYS B 9 26.95 -1.37 -10.22
C LYS B 9 26.35 -2.76 -10.01
N PRO B 10 25.14 -2.82 -9.45
CA PRO B 10 24.47 -4.10 -9.26
C PRO B 10 23.72 -4.54 -10.52
N GLN B 11 23.41 -5.83 -10.57
CA GLN B 11 22.74 -6.39 -11.74
C GLN B 11 21.26 -6.03 -11.67
N GLU B 12 20.76 -5.34 -12.71
CA GLU B 12 19.36 -4.96 -12.73
C GLU B 12 18.46 -6.17 -12.90
N VAL B 13 18.86 -7.12 -13.73
CA VAL B 13 18.16 -8.39 -13.89
C VAL B 13 19.08 -9.44 -13.29
N VAL B 14 18.64 -10.06 -12.20
CA VAL B 14 19.44 -11.07 -11.53
C VAL B 14 19.04 -12.43 -12.08
N ARG B 15 20.03 -13.15 -12.60
CA ARG B 15 19.80 -14.44 -13.23
C ARG B 15 20.20 -15.53 -12.27
N LEU B 16 19.41 -16.60 -12.26
CA LEU B 16 19.67 -17.81 -11.48
C LEU B 16 19.35 -18.96 -12.44
N GLY B 17 20.32 -19.29 -13.28
CA GLY B 17 20.07 -20.31 -14.27
C GLY B 17 18.92 -19.89 -15.16
N ASP B 18 17.84 -20.67 -15.10
CA ASP B 18 16.65 -20.43 -15.92
C ASP B 18 15.84 -19.22 -15.45
N ILE B 19 15.95 -18.81 -14.19
CA ILE B 19 15.06 -17.78 -13.63
C ILE B 19 15.66 -16.40 -13.81
N GLN B 20 14.82 -15.43 -14.16
CA GLN B 20 15.19 -14.03 -14.30
C GLN B 20 14.32 -13.20 -13.37
N MET B 21 14.95 -12.41 -12.51
CA MET B 21 14.26 -11.59 -11.52
C MET B 21 14.54 -10.12 -11.79
N ALA B 22 13.48 -9.34 -11.97
CA ALA B 22 13.60 -7.91 -12.20
C ALA B 22 12.24 -7.26 -11.97
N ASN B 23 12.27 -5.97 -11.63
CA ASN B 23 11.06 -5.26 -11.26
C ASN B 23 10.09 -5.06 -12.42
N HIS B 24 10.54 -5.21 -13.67
CA HIS B 24 9.66 -5.11 -14.83
C HIS B 24 9.24 -6.46 -15.38
N LEU B 25 9.74 -7.54 -14.81
CA LEU B 25 9.53 -8.90 -15.28
C LEU B 25 8.51 -9.62 -14.43
N PRO B 26 8.01 -10.77 -14.89
CA PRO B 26 7.06 -11.54 -14.06
C PRO B 26 7.65 -11.86 -12.69
N PHE B 27 6.82 -11.71 -11.67
CA PHE B 27 7.32 -11.80 -10.30
C PHE B 27 7.70 -13.23 -9.94
N VAL B 28 8.75 -13.38 -9.14
CA VAL B 28 9.27 -14.67 -8.73
C VAL B 28 8.92 -14.90 -7.27
N LEU B 29 8.64 -16.15 -6.90
CA LEU B 29 8.20 -16.48 -5.56
C LEU B 29 9.34 -17.15 -4.80
N PHE B 30 9.75 -16.53 -3.69
CA PHE B 30 10.53 -17.19 -2.63
C PHE B 30 9.51 -17.70 -1.62
N GLY B 31 9.27 -19.00 -1.62
CA GLY B 31 8.19 -19.55 -0.81
C GLY B 31 8.60 -20.82 -0.09
N GLY B 32 8.02 -20.99 1.10
CA GLY B 32 8.28 -22.17 1.87
C GLY B 32 7.69 -22.12 3.27
N MET B 33 8.53 -22.34 4.26
CA MET B 33 8.12 -22.41 5.65
C MET B 33 9.08 -21.56 6.48
N ASN B 34 8.63 -21.18 7.67
CA ASN B 34 9.48 -20.36 8.54
C ASN B 34 10.73 -21.13 8.95
N VAL B 35 10.54 -22.35 9.47
CA VAL B 35 11.64 -23.15 10.01
C VAL B 35 11.43 -24.61 9.62
N LEU B 36 12.54 -25.32 9.45
CA LEU B 36 12.52 -26.76 9.18
C LEU B 36 12.03 -27.55 10.38
N GLU B 37 10.72 -27.75 10.50
CA GLU B 37 10.17 -28.49 11.64
C GLU B 37 10.58 -29.97 11.59
N SER B 38 10.46 -30.60 10.42
CA SER B 38 10.85 -31.99 10.24
C SER B 38 11.00 -32.27 8.75
N LYS B 39 11.68 -33.38 8.45
CA LYS B 39 11.92 -33.76 7.05
C LYS B 39 10.62 -33.99 6.30
N ASP B 40 9.64 -34.64 6.94
CA ASP B 40 8.39 -34.96 6.27
C ASP B 40 7.56 -33.71 5.98
N LEU B 41 7.51 -32.77 6.93
CA LEU B 41 6.75 -31.54 6.70
C LEU B 41 7.39 -30.70 5.61
N ALA B 42 8.73 -30.63 5.60
CA ALA B 42 9.42 -29.85 4.57
C ALA B 42 9.20 -30.44 3.18
N PHE B 43 9.26 -31.77 3.07
CA PHE B 43 9.01 -32.40 1.78
C PHE B 43 7.59 -32.15 1.31
N GLU B 44 6.62 -32.30 2.22
CA GLU B 44 5.22 -32.07 1.86
C GLU B 44 4.98 -30.64 1.42
N ILE B 45 5.52 -29.67 2.16
CA ILE B 45 5.30 -28.28 1.83
C ILE B 45 5.94 -27.93 0.49
N ALA B 46 7.18 -28.39 0.27
CA ALA B 46 7.84 -28.12 -0.99
C ALA B 46 7.04 -28.68 -2.17
N GLU B 47 6.58 -29.94 -2.04
CA GLU B 47 5.77 -30.53 -3.11
C GLU B 47 4.55 -29.68 -3.44
N THR B 48 3.90 -29.13 -2.41
CA THR B 48 2.71 -28.32 -2.64
C THR B 48 3.05 -27.03 -3.38
N TYR B 49 4.15 -26.39 -3.00
CA TYR B 49 4.58 -25.16 -3.68
C TYR B 49 4.93 -25.41 -5.14
N ILE B 50 5.76 -26.43 -5.40
CA ILE B 50 6.26 -26.68 -6.75
C ILE B 50 5.10 -26.98 -7.70
N ASP B 51 4.14 -27.78 -7.23
CA ASP B 51 2.99 -28.14 -8.07
C ASP B 51 2.17 -26.91 -8.42
N ILE B 52 1.83 -26.11 -7.41
CA ILE B 52 1.01 -24.91 -7.63
C ILE B 52 1.72 -23.93 -8.54
N CYS B 53 3.00 -23.64 -8.26
CA CYS B 53 3.73 -22.67 -9.09
C CYS B 53 3.89 -23.18 -10.52
N LYS B 54 3.95 -24.49 -10.72
CA LYS B 54 4.04 -25.04 -12.07
C LYS B 54 2.74 -24.83 -12.83
N ARG B 55 1.61 -25.11 -12.20
CA ARG B 55 0.32 -24.96 -12.87
C ARG B 55 -0.05 -23.50 -13.10
N LEU B 56 0.37 -22.60 -12.20
CA LEU B 56 0.11 -21.18 -12.37
C LEU B 56 1.20 -20.47 -13.17
N ASP B 57 2.31 -21.14 -13.45
CA ASP B 57 3.44 -20.57 -14.18
C ASP B 57 4.00 -19.35 -13.43
N ILE B 58 4.47 -19.61 -12.22
CA ILE B 58 5.16 -18.62 -11.40
C ILE B 58 6.53 -19.20 -11.07
N PRO B 59 7.63 -18.55 -11.46
CA PRO B 59 8.95 -19.09 -11.12
C PRO B 59 9.12 -19.14 -9.60
N TYR B 60 9.78 -20.19 -9.13
CA TYR B 60 9.73 -20.57 -7.72
C TYR B 60 11.10 -20.88 -7.17
N VAL B 61 11.36 -20.39 -5.94
CA VAL B 61 12.55 -20.75 -5.16
C VAL B 61 12.06 -21.21 -3.79
N PHE B 62 12.52 -22.38 -3.35
CA PHE B 62 12.09 -22.92 -2.06
C PHE B 62 12.85 -22.24 -0.92
N LYS B 63 12.12 -21.88 0.14
CA LYS B 63 12.66 -21.14 1.28
C LYS B 63 12.38 -21.86 2.58
N ALA B 64 13.41 -21.99 3.42
CA ALA B 64 13.26 -22.46 4.80
C ALA B 64 14.54 -22.16 5.58
N SER B 65 14.38 -21.76 6.84
CA SER B 65 15.53 -21.52 7.71
C SER B 65 16.01 -22.82 8.33
N PHE B 66 17.32 -22.94 8.50
CA PHE B 66 17.90 -24.01 9.30
C PHE B 66 18.06 -23.63 10.76
N ASP B 67 17.91 -22.34 11.09
CA ASP B 67 18.04 -21.89 12.47
C ASP B 67 17.20 -20.62 12.67
N LYS B 68 16.40 -20.60 13.74
CA LYS B 68 15.78 -19.37 14.23
C LYS B 68 16.72 -18.83 15.31
N ALA B 69 17.60 -17.91 14.90
CA ALA B 69 18.70 -17.50 15.76
C ALA B 69 18.34 -16.40 16.75
N ASN B 70 17.19 -15.75 16.62
CA ASN B 70 16.92 -14.55 17.39
C ASN B 70 15.59 -14.64 18.12
N ARG B 71 15.31 -15.79 18.71
CA ARG B 71 14.07 -15.98 19.46
C ARG B 71 14.19 -15.36 20.85
N SER B 72 13.04 -15.27 21.54
CA SER B 72 13.00 -14.64 22.86
C SER B 72 13.76 -15.44 23.90
N SER B 73 13.60 -16.76 23.92
CA SER B 73 14.18 -17.59 24.97
C SER B 73 15.25 -18.52 24.41
N LEU B 74 16.18 -18.91 25.28
CA LEU B 74 17.19 -19.91 24.94
C LEU B 74 16.58 -21.28 24.67
N HIS B 75 15.37 -21.53 25.16
CA HIS B 75 14.76 -22.86 25.04
C HIS B 75 13.77 -22.95 23.89
N SER B 76 13.48 -21.85 23.19
CA SER B 76 12.60 -21.89 22.04
C SER B 76 13.18 -22.77 20.94
N PHE B 77 12.31 -23.42 20.17
CA PHE B 77 12.77 -24.30 19.10
C PHE B 77 13.51 -23.49 18.04
N ARG B 78 14.72 -23.95 17.69
CA ARG B 78 15.58 -23.25 16.75
C ARG B 78 15.74 -23.97 15.42
N GLY B 79 15.32 -25.24 15.32
CA GLY B 79 15.44 -25.98 14.09
C GLY B 79 16.58 -26.99 14.13
N PRO B 80 16.83 -27.62 12.98
CA PRO B 80 17.83 -28.71 12.94
C PRO B 80 19.25 -28.25 13.17
N GLY B 81 19.53 -26.96 13.03
CA GLY B 81 20.89 -26.47 13.13
C GLY B 81 21.60 -26.50 11.79
N LEU B 82 22.84 -26.02 11.81
CA LEU B 82 23.58 -25.82 10.57
C LEU B 82 23.82 -27.13 9.83
N GLU B 83 24.42 -28.11 10.51
CA GLU B 83 24.83 -29.34 9.84
C GLU B 83 23.63 -30.06 9.21
N LYS B 84 22.60 -30.30 10.00
CA LYS B 84 21.45 -31.07 9.56
C LYS B 84 20.65 -30.29 8.51
N GLY B 85 20.50 -28.98 8.69
CA GLY B 85 19.73 -28.17 7.74
C GLY B 85 20.36 -28.12 6.36
N ILE B 86 21.67 -27.89 6.30
CA ILE B 86 22.37 -27.88 5.00
C ILE B 86 22.24 -29.24 4.33
N GLU B 87 22.33 -30.31 5.12
CA GLU B 87 22.10 -31.65 4.58
C GLU B 87 20.67 -31.81 4.10
N TRP B 88 19.71 -31.33 4.90
CA TRP B 88 18.30 -31.44 4.52
C TRP B 88 18.00 -30.56 3.31
N LEU B 89 18.62 -29.39 3.23
CA LEU B 89 18.39 -28.52 2.06
C LEU B 89 18.82 -29.22 0.78
N GLY B 90 19.94 -29.93 0.82
CA GLY B 90 20.37 -30.68 -0.36
C GLY B 90 19.38 -31.75 -0.77
N ASP B 91 18.76 -32.42 0.20
CA ASP B 91 17.72 -33.42 -0.10
C ASP B 91 16.56 -32.80 -0.86
N ILE B 92 16.10 -31.62 -0.42
CA ILE B 92 15.03 -30.94 -1.13
C ILE B 92 15.50 -30.52 -2.52
N LYS B 93 16.72 -29.97 -2.61
CA LYS B 93 17.24 -29.47 -3.89
C LYS B 93 17.41 -30.61 -4.89
N LYS B 94 18.00 -31.72 -4.47
CA LYS B 94 18.32 -32.79 -5.41
C LYS B 94 17.06 -33.51 -5.90
N HIS B 95 16.09 -33.75 -5.01
CA HIS B 95 14.90 -34.50 -5.40
C HIS B 95 14.03 -33.72 -6.37
N PHE B 96 13.86 -32.41 -6.12
CA PHE B 96 12.92 -31.61 -6.88
C PHE B 96 13.58 -30.76 -7.96
N ASN B 97 14.91 -30.60 -7.93
CA ASN B 97 15.62 -29.70 -8.84
C ASN B 97 15.10 -28.26 -8.72
N VAL B 98 14.94 -27.80 -7.48
CA VAL B 98 14.38 -26.48 -7.20
C VAL B 98 15.45 -25.62 -6.53
N PRO B 99 15.52 -24.32 -6.82
CA PRO B 99 16.50 -23.49 -6.13
C PRO B 99 16.18 -23.36 -4.64
N ILE B 100 17.20 -22.97 -3.89
CA ILE B 100 17.12 -22.91 -2.44
C ILE B 100 17.50 -21.51 -1.99
N ILE B 101 16.74 -20.97 -1.05
CA ILE B 101 17.09 -19.73 -0.36
C ILE B 101 16.97 -19.96 1.14
N THR B 102 18.00 -19.53 1.88
CA THR B 102 18.00 -19.58 3.33
C THR B 102 18.87 -18.45 3.86
N ASP B 103 18.69 -18.14 5.14
CA ASP B 103 19.37 -17.02 5.78
C ASP B 103 20.61 -17.48 6.55
N VAL B 104 21.54 -16.55 6.71
CA VAL B 104 22.87 -16.80 7.26
C VAL B 104 23.03 -15.89 8.48
N HIS B 105 23.47 -16.46 9.60
CA HIS B 105 23.47 -15.72 10.86
C HIS B 105 24.86 -15.39 11.39
N GLU B 106 25.90 -16.07 10.95
CA GLU B 106 27.27 -15.81 11.39
C GLU B 106 28.20 -15.87 10.19
N PRO B 107 29.26 -15.05 10.18
CA PRO B 107 30.09 -14.95 8.97
C PRO B 107 30.65 -16.29 8.48
N TYR B 108 31.06 -17.17 9.38
CA TYR B 108 31.66 -18.42 8.94
C TYR B 108 30.68 -19.32 8.21
N GLN B 109 29.38 -19.17 8.48
CA GLN B 109 28.38 -20.04 7.88
C GLN B 109 28.14 -19.76 6.41
N ALA B 110 28.62 -18.64 5.89
CA ALA B 110 28.27 -18.23 4.53
C ALA B 110 28.72 -19.26 3.51
N ALA B 111 30.00 -19.61 3.52
CA ALA B 111 30.54 -20.54 2.53
C ALA B 111 29.91 -21.93 2.60
N PRO B 112 29.81 -22.58 3.78
CA PRO B 112 29.14 -23.89 3.79
C PRO B 112 27.68 -23.81 3.39
N VAL B 113 27.00 -22.72 3.70
CA VAL B 113 25.62 -22.55 3.25
C VAL B 113 25.56 -22.42 1.74
N ALA B 114 26.57 -21.77 1.14
CA ALA B 114 26.55 -21.49 -0.29
C ALA B 114 26.65 -22.75 -1.16
N GLU B 115 27.21 -23.84 -0.62
CA GLU B 115 27.28 -25.07 -1.41
C GLU B 115 25.90 -25.50 -1.86
N VAL B 116 24.93 -25.43 -0.95
CA VAL B 116 23.60 -25.94 -1.18
C VAL B 116 22.63 -24.84 -1.62
N ALA B 117 22.76 -23.65 -1.04
CA ALA B 117 21.78 -22.59 -1.22
C ALA B 117 22.15 -21.70 -2.42
N ASP B 118 21.16 -21.43 -3.28
CA ASP B 118 21.38 -20.57 -4.44
C ASP B 118 21.26 -19.09 -4.07
N ILE B 119 20.41 -18.75 -3.10
CA ILE B 119 20.30 -17.40 -2.57
C ILE B 119 20.49 -17.47 -1.06
N ILE B 120 21.39 -16.66 -0.53
CA ILE B 120 21.62 -16.57 0.90
C ILE B 120 21.05 -15.25 1.40
N GLN B 121 20.32 -15.30 2.51
CA GLN B 121 19.52 -14.19 2.99
C GLN B 121 20.21 -13.50 4.16
N LEU B 122 20.26 -12.17 4.10
CA LEU B 122 20.88 -11.36 5.15
C LEU B 122 19.79 -10.90 6.12
N PRO B 123 19.74 -11.41 7.34
CA PRO B 123 18.66 -11.03 8.25
C PRO B 123 18.66 -9.53 8.55
N ALA B 124 17.45 -9.02 8.81
CA ALA B 124 17.26 -7.58 9.00
C ALA B 124 18.19 -7.03 10.07
N PHE B 125 18.16 -7.62 11.28
CA PHE B 125 18.94 -7.08 12.40
C PHE B 125 20.44 -7.06 12.12
N LEU B 126 20.92 -7.96 11.26
CA LEU B 126 22.35 -8.10 11.01
C LEU B 126 22.80 -7.40 9.74
N SER B 127 21.88 -6.76 9.00
CA SER B 127 22.22 -6.21 7.70
C SER B 127 23.35 -5.18 7.75
N ARG B 128 23.66 -4.65 8.92
CA ARG B 128 24.76 -3.69 9.03
C ARG B 128 26.07 -4.33 9.47
N GLN B 129 26.06 -5.61 9.84
CA GLN B 129 27.26 -6.26 10.37
C GLN B 129 28.21 -6.60 9.22
N THR B 130 29.34 -5.90 9.19
CA THR B 130 30.24 -5.96 8.04
C THR B 130 30.83 -7.36 7.85
N ASP B 131 31.22 -8.03 8.94
CA ASP B 131 31.83 -9.36 8.79
C ASP B 131 30.88 -10.34 8.15
N LEU B 132 29.59 -10.28 8.53
CA LEU B 132 28.61 -11.19 7.94
C LEU B 132 28.37 -10.86 6.47
N VAL B 133 28.29 -9.58 6.13
CA VAL B 133 28.06 -9.16 4.75
C VAL B 133 29.22 -9.57 3.87
N GLU B 134 30.46 -9.34 4.33
CA GLU B 134 31.63 -9.65 3.52
C GLU B 134 31.72 -11.15 3.27
N ALA B 135 31.55 -11.95 4.33
CA ALA B 135 31.61 -13.41 4.18
C ALA B 135 30.51 -13.93 3.27
N MET B 136 29.31 -13.36 3.36
CA MET B 136 28.22 -13.79 2.48
C MET B 136 28.52 -13.42 1.03
N ALA B 137 28.98 -12.18 0.80
CA ALA B 137 29.30 -11.75 -0.56
C ALA B 137 30.35 -12.65 -1.20
N LYS B 138 31.32 -13.12 -0.41
CA LYS B 138 32.44 -13.90 -0.95
C LYS B 138 31.96 -15.18 -1.63
N THR B 139 30.92 -15.82 -1.09
CA THR B 139 30.48 -17.10 -1.63
C THR B 139 29.96 -17.00 -3.06
N GLN B 140 29.62 -15.79 -3.51
CA GLN B 140 29.10 -15.49 -4.85
C GLN B 140 27.69 -16.01 -5.12
N ALA B 141 26.97 -16.44 -4.09
CA ALA B 141 25.55 -16.75 -4.28
C ALA B 141 24.77 -15.45 -4.37
N ILE B 142 23.51 -15.55 -4.80
CA ILE B 142 22.64 -14.39 -4.77
C ILE B 142 22.39 -13.99 -3.32
N ILE B 143 22.33 -12.70 -3.07
CA ILE B 143 22.14 -12.16 -1.72
C ILE B 143 20.79 -11.45 -1.65
N ASN B 144 19.90 -11.96 -0.80
CA ASN B 144 18.62 -11.31 -0.49
C ASN B 144 18.80 -10.47 0.77
N ILE B 145 18.67 -9.15 0.63
CA ILE B 145 18.85 -8.24 1.76
C ILE B 145 17.49 -7.94 2.38
N LYS B 146 17.29 -8.40 3.61
CA LYS B 146 16.11 -8.04 4.39
C LYS B 146 16.29 -6.61 4.88
N LYS B 147 15.37 -5.73 4.52
CA LYS B 147 15.47 -4.33 4.91
C LYS B 147 15.07 -4.18 6.37
N ALA B 148 15.96 -3.63 7.17
CA ALA B 148 15.74 -3.57 8.61
C ALA B 148 14.54 -2.69 8.93
N GLN B 149 13.83 -3.08 9.99
CA GLN B 149 12.71 -2.28 10.48
C GLN B 149 13.13 -0.85 10.85
N PHE B 150 14.41 -0.63 11.15
CA PHE B 150 14.89 0.66 11.63
C PHE B 150 15.65 1.45 10.57
N LEU B 151 15.66 1.01 9.32
CA LEU B 151 16.37 1.70 8.24
C LEU B 151 15.39 2.28 7.23
N ALA B 152 15.64 3.51 6.80
CA ALA B 152 14.86 4.14 5.76
C ALA B 152 15.24 3.57 4.39
N PRO B 153 14.34 3.68 3.40
CA PRO B 153 14.65 3.13 2.06
C PRO B 153 15.99 3.58 1.47
N HIS B 154 16.27 4.89 1.46
CA HIS B 154 17.51 5.38 0.86
CA HIS B 154 17.50 5.36 0.84
C HIS B 154 18.73 4.74 1.50
N GLU B 155 18.65 4.32 2.76
CA GLU B 155 19.78 3.69 3.43
C GLU B 155 20.17 2.35 2.82
N MET B 156 19.31 1.75 1.99
CA MET B 156 19.66 0.48 1.34
C MET B 156 20.89 0.59 0.46
N ARG B 157 21.15 1.77 -0.11
CA ARG B 157 22.28 1.88 -1.04
C ARG B 157 23.60 1.49 -0.39
N HIS B 158 23.79 1.81 0.89
CA HIS B 158 25.06 1.47 1.54
C HIS B 158 25.24 -0.04 1.65
N ILE B 159 24.15 -0.78 1.88
CA ILE B 159 24.27 -2.22 1.94
C ILE B 159 24.60 -2.79 0.57
N LEU B 160 24.02 -2.22 -0.48
CA LEU B 160 24.44 -2.56 -1.85
C LEU B 160 25.90 -2.16 -2.09
N HIS B 161 26.26 -0.92 -1.71
CA HIS B 161 27.62 -0.44 -1.99
C HIS B 161 28.66 -1.28 -1.28
N LYS B 162 28.37 -1.73 -0.06
CA LYS B 162 29.30 -2.60 0.65
C LYS B 162 29.40 -3.96 -0.02
N CYS B 163 28.27 -4.48 -0.52
CA CYS B 163 28.30 -5.74 -1.26
C CYS B 163 29.13 -5.61 -2.53
N LEU B 164 28.90 -4.54 -3.31
CA LEU B 164 29.67 -4.33 -4.52
C LEU B 164 31.15 -4.16 -4.21
N GLU B 165 31.48 -3.39 -3.17
CA GLU B 165 32.87 -3.29 -2.72
C GLU B 165 33.44 -4.66 -2.37
N ALA B 166 32.61 -5.56 -1.82
CA ALA B 166 33.04 -6.91 -1.50
C ALA B 166 32.96 -7.86 -2.69
N GLY B 167 32.69 -7.37 -3.90
CA GLY B 167 32.83 -8.16 -5.10
C GLY B 167 31.64 -9.01 -5.49
N ASN B 168 30.43 -8.67 -5.03
CA ASN B 168 29.22 -9.43 -5.36
C ASN B 168 28.18 -8.47 -5.92
N ASP B 169 27.63 -8.81 -7.09
CA ASP B 169 26.67 -7.94 -7.77
C ASP B 169 25.31 -8.61 -8.02
N LYS B 170 25.03 -9.75 -7.39
CA LYS B 170 23.75 -10.43 -7.52
C LYS B 170 22.94 -10.14 -6.26
N LEU B 171 22.20 -9.03 -6.27
CA LEU B 171 21.64 -8.45 -5.07
C LEU B 171 20.15 -8.24 -5.20
N ILE B 172 19.42 -8.55 -4.13
CA ILE B 172 17.98 -8.36 -4.05
C ILE B 172 17.66 -7.65 -2.74
N LEU B 173 16.78 -6.66 -2.79
CA LEU B 173 16.28 -5.97 -1.62
C LEU B 173 14.88 -6.48 -1.29
N CYS B 174 14.63 -6.73 0.00
CA CYS B 174 13.35 -7.32 0.41
C CYS B 174 12.73 -6.51 1.54
N GLU B 175 11.59 -5.89 1.25
CA GLU B 175 10.85 -5.09 2.23
C GLU B 175 10.19 -6.00 3.27
N ARG B 176 10.18 -5.55 4.54
CA ARG B 176 9.45 -6.31 5.56
C ARG B 176 8.87 -5.42 6.66
N GLY B 177 8.58 -4.16 6.37
CA GLY B 177 7.92 -3.29 7.32
C GLY B 177 8.90 -2.38 8.05
N SER B 178 8.36 -1.27 8.56
CA SER B 178 9.12 -0.28 9.29
C SER B 178 8.51 -0.08 10.67
N ALA B 179 9.36 0.17 11.65
CA ALA B 179 8.93 0.43 13.02
C ALA B 179 8.01 1.64 13.07
N PHE B 180 6.85 1.47 13.68
CA PHE B 180 5.80 2.49 13.70
C PHE B 180 5.38 2.64 15.16
N GLY B 181 6.01 3.57 15.89
CA GLY B 181 5.74 3.51 17.33
C GLY B 181 6.26 2.21 17.93
N TYR B 182 5.61 1.76 19.01
CA TYR B 182 6.03 0.55 19.72
C TYR B 182 5.26 -0.67 19.21
N ASN B 183 5.97 -1.81 19.12
CA ASN B 183 5.39 -3.13 18.85
C ASN B 183 4.51 -3.13 17.61
N ASN B 184 4.93 -2.44 16.56
CA ASN B 184 4.03 -2.35 15.42
C ASN B 184 4.82 -1.99 14.19
N LEU B 185 4.47 -2.62 13.08
CA LEU B 185 5.09 -2.35 11.79
C LEU B 185 4.06 -1.73 10.86
N VAL B 186 4.53 -0.83 10.01
CA VAL B 186 3.77 -0.34 8.88
C VAL B 186 4.64 -0.53 7.63
N VAL B 187 3.99 -0.78 6.49
CA VAL B 187 4.70 -0.88 5.21
C VAL B 187 4.46 0.41 4.44
N ASP B 188 5.52 1.19 4.23
CA ASP B 188 5.45 2.43 3.46
C ASP B 188 5.58 2.09 1.99
N MET B 189 4.45 2.07 1.27
CA MET B 189 4.48 1.66 -0.14
C MET B 189 5.26 2.64 -1.01
N LEU B 190 5.40 3.89 -0.58
CA LEU B 190 6.25 4.85 -1.29
C LEU B 190 7.72 4.46 -1.27
N GLY B 191 8.13 3.65 -0.29
CA GLY B 191 9.51 3.17 -0.24
C GLY B 191 9.90 2.23 -1.37
N PHE B 192 8.92 1.53 -1.98
CA PHE B 192 9.23 0.62 -3.08
C PHE B 192 9.84 1.37 -4.26
N ASP B 193 9.33 2.57 -4.59
CA ASP B 193 9.89 3.32 -5.71
C ASP B 193 11.34 3.69 -5.45
N ILE B 194 11.64 4.13 -4.22
CA ILE B 194 13.00 4.53 -3.88
C ILE B 194 13.96 3.37 -4.06
N MET B 195 13.58 2.18 -3.60
CA MET B 195 14.44 1.02 -3.80
C MET B 195 14.47 0.56 -5.26
N LYS B 196 13.34 0.64 -5.97
CA LYS B 196 13.36 0.27 -7.39
C LYS B 196 14.27 1.20 -8.19
N GLU B 197 14.31 2.47 -7.81
CA GLU B 197 15.17 3.44 -8.48
C GLU B 197 16.65 3.17 -8.26
N MET B 198 17.01 2.24 -7.38
CA MET B 198 18.38 1.76 -7.28
C MET B 198 18.71 0.66 -8.28
N ASN B 199 17.77 0.30 -9.16
CA ASN B 199 18.02 -0.64 -10.26
C ASN B 199 18.47 -2.00 -9.77
N VAL B 200 17.78 -2.52 -8.76
CA VAL B 200 17.94 -3.90 -8.33
C VAL B 200 16.55 -4.51 -8.23
N PRO B 201 16.44 -5.84 -8.27
CA PRO B 201 15.15 -6.47 -8.00
C PRO B 201 14.71 -6.21 -6.56
N VAL B 202 13.43 -5.90 -6.40
CA VAL B 202 12.84 -5.57 -5.11
C VAL B 202 11.73 -6.58 -4.82
N PHE B 203 11.82 -7.21 -3.66
CA PHE B 203 10.85 -8.20 -3.23
C PHE B 203 10.09 -7.66 -2.02
N PHE B 204 8.93 -8.28 -1.73
CA PHE B 204 8.11 -7.93 -0.58
C PHE B 204 7.89 -9.17 0.28
N ASP B 205 8.36 -9.12 1.53
CA ASP B 205 8.09 -10.16 2.51
C ASP B 205 6.81 -9.79 3.24
N VAL B 206 5.67 -10.21 2.69
CA VAL B 206 4.39 -9.89 3.30
C VAL B 206 4.21 -10.60 4.63
N THR B 207 4.81 -11.80 4.77
CA THR B 207 4.58 -12.60 5.96
C THR B 207 5.06 -11.87 7.22
N HIS B 208 6.26 -11.32 7.19
CA HIS B 208 6.79 -10.70 8.40
C HIS B 208 6.36 -9.25 8.57
N ALA B 209 5.71 -8.65 7.57
CA ALA B 209 5.21 -7.29 7.66
C ALA B 209 3.88 -7.20 8.40
N LEU B 210 3.23 -8.31 8.68
CA LEU B 210 1.99 -8.27 9.46
C LEU B 210 2.29 -8.12 10.94
N GLN B 211 3.49 -8.51 11.35
CA GLN B 211 3.85 -8.66 12.76
C GLN B 211 3.45 -7.44 13.59
N THR B 212 3.01 -7.71 14.82
CA THR B 212 2.80 -6.70 15.85
C THR B 212 3.66 -7.06 17.05
N PRO B 213 5.00 -6.98 16.91
CA PRO B 213 5.93 -7.55 17.89
C PRO B 213 5.89 -6.87 19.25
N ARG B 223 -2.79 -11.06 12.57
CA ARG B 223 -3.37 -10.41 11.39
C ARG B 223 -3.34 -11.33 10.16
N ARG B 224 -3.46 -12.64 10.38
CA ARG B 224 -3.43 -13.60 9.28
C ARG B 224 -4.51 -13.31 8.25
N ALA B 225 -5.65 -12.78 8.70
CA ALA B 225 -6.77 -12.47 7.82
C ALA B 225 -6.47 -11.29 6.91
N GLN B 226 -5.35 -10.60 7.10
CA GLN B 226 -4.99 -9.40 6.36
C GLN B 226 -3.86 -9.61 5.35
N ILE B 227 -3.37 -10.85 5.20
CA ILE B 227 -2.24 -11.10 4.32
C ILE B 227 -2.61 -10.80 2.87
N THR B 228 -3.87 -11.05 2.51
CA THR B 228 -4.34 -10.84 1.15
C THR B 228 -4.32 -9.35 0.80
N THR B 229 -4.82 -8.51 1.69
CA THR B 229 -4.83 -7.06 1.47
C THR B 229 -3.43 -6.53 1.23
N LEU B 230 -2.49 -6.93 2.09
CA LEU B 230 -1.16 -6.35 2.04
C LEU B 230 -0.39 -6.84 0.81
N ALA B 231 -0.45 -8.13 0.52
CA ALA B 231 0.24 -8.65 -0.66
C ALA B 231 -0.22 -7.96 -1.94
N ARG B 232 -1.52 -7.70 -2.05
CA ARG B 232 -2.02 -7.03 -3.25
C ARG B 232 -1.49 -5.61 -3.36
N ALA B 233 -1.50 -4.86 -2.25
CA ALA B 233 -1.02 -3.49 -2.29
C ALA B 233 0.43 -3.43 -2.72
N GLY B 234 1.27 -4.29 -2.13
CA GLY B 234 2.68 -4.31 -2.50
C GLY B 234 2.88 -4.72 -3.95
N MET B 235 2.25 -5.81 -4.36
CA MET B 235 2.47 -6.28 -5.72
C MET B 235 1.85 -5.33 -6.75
N ALA B 236 0.83 -4.57 -6.36
CA ALA B 236 0.29 -3.57 -7.28
C ALA B 236 1.30 -2.47 -7.61
N THR B 237 2.34 -2.28 -6.79
CA THR B 237 3.34 -1.27 -7.12
C THR B 237 4.31 -1.76 -8.18
N GLY B 238 4.33 -3.05 -8.48
CA GLY B 238 5.18 -3.57 -9.52
C GLY B 238 6.50 -4.03 -8.95
N LEU B 239 6.59 -5.30 -8.59
CA LEU B 239 7.75 -5.77 -7.84
C LEU B 239 8.34 -6.98 -8.53
N ALA B 240 9.61 -7.23 -8.21
CA ALA B 240 10.30 -8.37 -8.81
C ALA B 240 9.84 -9.69 -8.21
N GLY B 241 9.33 -9.68 -6.98
CA GLY B 241 8.87 -10.94 -6.42
C GLY B 241 8.30 -10.80 -5.03
N LEU B 242 7.88 -11.95 -4.50
CA LEU B 242 7.19 -12.04 -3.22
C LEU B 242 7.83 -13.12 -2.35
N PHE B 243 7.91 -12.84 -1.06
CA PHE B 243 8.42 -13.77 -0.05
C PHE B 243 7.26 -14.17 0.84
N LEU B 244 7.02 -15.49 0.98
CA LEU B 244 5.82 -16.00 1.60
C LEU B 244 6.10 -17.28 2.38
N GLU B 245 5.48 -17.42 3.54
CA GLU B 245 5.59 -18.60 4.39
C GLU B 245 4.21 -19.20 4.63
N SER B 246 4.15 -20.54 4.62
CA SER B 246 2.92 -21.28 4.87
C SER B 246 3.19 -22.41 5.84
N HIS B 247 2.09 -23.05 6.31
CA HIS B 247 2.15 -24.17 7.22
C HIS B 247 0.82 -24.90 7.14
N PRO B 248 0.80 -26.25 7.13
CA PRO B 248 -0.48 -26.95 7.09
C PRO B 248 -1.39 -26.64 8.26
N ASP B 249 -0.82 -26.34 9.43
CA ASP B 249 -1.58 -26.01 10.63
C ASP B 249 -0.81 -24.94 11.39
N PRO B 250 -0.98 -23.67 10.99
CA PRO B 250 -0.11 -22.60 11.53
C PRO B 250 -0.07 -22.55 13.05
N ASP B 251 -1.12 -22.99 13.71
CA ASP B 251 -1.14 -23.08 15.17
C ASP B 251 -0.17 -24.15 15.66
N LYS B 254 5.03 -24.08 14.57
CA LYS B 254 6.06 -24.12 15.61
C LYS B 254 6.76 -22.76 15.78
N CYS B 255 6.69 -21.92 14.75
CA CYS B 255 7.26 -20.57 14.80
C CYS B 255 6.51 -19.67 13.82
N ASP B 256 6.17 -18.46 14.28
CA ASP B 256 5.52 -17.44 13.45
C ASP B 256 4.21 -17.95 12.84
N GLY B 257 3.56 -18.90 13.53
CA GLY B 257 2.26 -19.38 13.09
C GLY B 257 1.20 -18.32 12.90
N PRO B 258 1.14 -17.28 13.74
CA PRO B 258 0.20 -16.18 13.48
C PRO B 258 0.40 -15.51 12.14
N SER B 259 1.57 -15.65 11.52
CA SER B 259 1.84 -15.04 10.23
C SER B 259 1.86 -16.05 9.09
N ALA B 260 1.73 -17.34 9.40
CA ALA B 260 1.79 -18.36 8.37
C ALA B 260 0.44 -18.47 7.64
N LEU B 261 0.51 -18.63 6.33
CA LEU B 261 -0.70 -18.81 5.54
C LEU B 261 -1.10 -20.28 5.58
N ARG B 262 -2.39 -20.55 5.82
CA ARG B 262 -2.88 -21.93 5.77
C ARG B 262 -2.59 -22.52 4.40
N LEU B 263 -1.83 -23.62 4.37
CA LEU B 263 -1.33 -24.16 3.11
C LEU B 263 -2.47 -24.49 2.14
N SER B 264 -3.64 -24.89 2.65
CA SER B 264 -4.78 -25.18 1.79
C SER B 264 -5.29 -23.94 1.04
N GLN B 265 -4.84 -22.74 1.40
CA GLN B 265 -5.27 -21.51 0.76
C GLN B 265 -4.22 -20.95 -0.20
N LEU B 266 -3.14 -21.70 -0.43
CA LEU B 266 -2.01 -21.19 -1.20
C LEU B 266 -2.39 -20.90 -2.66
N GLU B 267 -3.04 -21.86 -3.32
CA GLU B 267 -3.27 -21.72 -4.76
C GLU B 267 -4.19 -20.55 -5.12
N PRO B 268 -5.35 -20.35 -4.49
CA PRO B 268 -6.16 -19.19 -4.86
C PRO B 268 -5.48 -17.88 -4.54
N PHE B 269 -4.70 -17.85 -3.45
CA PHE B 269 -3.92 -16.66 -3.12
C PHE B 269 -2.92 -16.34 -4.22
N LEU B 270 -2.15 -17.33 -4.67
CA LEU B 270 -1.17 -17.10 -5.72
C LEU B 270 -1.82 -16.73 -7.04
N ALA B 271 -2.99 -17.32 -7.33
CA ALA B 271 -3.66 -17.09 -8.60
C ALA B 271 -4.04 -15.63 -8.76
N GLN B 272 -4.60 -15.02 -7.70
CA GLN B 272 -4.93 -13.60 -7.74
C GLN B 272 -3.69 -12.74 -7.94
N LEU B 273 -2.61 -13.06 -7.22
CA LEU B 273 -1.39 -12.28 -7.36
C LEU B 273 -0.80 -12.41 -8.77
N LYS B 274 -0.90 -13.60 -9.36
CA LYS B 274 -0.44 -13.79 -10.73
C LYS B 274 -1.21 -12.88 -11.67
N GLU B 275 -2.53 -12.79 -11.47
CA GLU B 275 -3.35 -11.97 -12.34
C GLU B 275 -3.08 -10.48 -12.16
N LEU B 276 -2.97 -10.04 -10.90
CA LEU B 276 -2.68 -8.63 -10.64
C LEU B 276 -1.33 -8.24 -11.23
N ASP B 277 -0.32 -9.07 -11.00
CA ASP B 277 1.02 -8.77 -11.50
C ASP B 277 0.99 -8.61 -13.01
N THR B 278 0.32 -9.53 -13.70
CA THR B 278 0.21 -9.45 -15.16
C THR B 278 -0.37 -8.13 -15.61
N LEU B 279 -1.48 -7.70 -15.00
CA LEU B 279 -2.03 -6.38 -15.30
C LEU B 279 -1.00 -5.29 -15.05
N VAL B 280 -0.40 -5.28 -13.86
CA VAL B 280 0.43 -4.16 -13.44
C VAL B 280 1.72 -4.11 -14.25
N LYS B 281 2.34 -5.27 -14.50
CA LYS B 281 3.57 -5.32 -15.27
C LYS B 281 3.39 -4.87 -16.71
N GLY B 282 2.16 -4.86 -17.21
CA GLY B 282 1.95 -4.44 -18.58
C GLY B 282 1.66 -2.97 -18.73
N PHE B 283 1.59 -2.25 -17.61
CA PHE B 283 1.37 -0.81 -17.63
C PHE B 283 2.63 -0.09 -18.11
N LYS B 284 2.43 0.90 -18.96
CA LYS B 284 3.51 1.82 -19.31
C LYS B 284 3.83 2.69 -18.09
N LYS B 285 5.11 2.77 -17.72
CA LYS B 285 5.47 3.60 -16.59
C LYS B 285 5.08 5.04 -16.89
N LEU B 286 4.61 5.74 -15.86
CA LEU B 286 4.01 7.04 -16.05
C LEU B 286 4.81 8.03 -15.23
N ASP B 287 5.29 9.08 -15.88
CA ASP B 287 6.11 10.10 -15.25
C ASP B 287 5.19 11.23 -14.81
N THR B 288 5.03 11.40 -13.50
CA THR B 288 4.13 12.42 -12.96
C THR B 288 4.89 13.54 -12.28
N HIS B 289 6.20 13.63 -12.48
CA HIS B 289 7.02 14.73 -11.95
C HIS B 289 6.39 16.06 -12.34
#